data_6H76
#
_entry.id   6H76
#
_cell.length_a   47.788
_cell.length_b   75.310
_cell.length_c   87.774
_cell.angle_alpha   90.00
_cell.angle_beta   90.00
_cell.angle_gamma   90.00
#
_symmetry.space_group_name_H-M   'P 21 21 21'
#
loop_
_entity.id
_entity.type
_entity.pdbx_description
1 polymer 'Sialic acid-binding periplasmic protein SiaP'
2 non-polymer 'N-acetyl-beta-neuraminic acid'
3 non-polymer 'CHLORIDE ION'
4 non-polymer 'CESIUM ION'
5 water water
#
_entity_poly.entity_id   1
_entity_poly.type   'polypeptide(L)'
_entity_poly.pdbx_seq_one_letter_code
;ADYDLKFGMNAGTSSNEYKAAEMFAKEVKEKSQGKIEISLYPSSQLGDDRAMLKQLKDGSLDFTFAESARFQLFYPEAAV
FALPYVISNYNVAQKALFDTEFGKDLIKKMDKDLGVTLLSQAYNGTRQTTSNRAINSIADMKGLKLRVPNAATNLAYAKY
VGASPTPMAFSEVYLALQTNAVDGQENPLAAVQAQKFYEVQKFLAMTNHILNDQLYLVSNETYKELPEDLQKVVKDAAEN
AAKYHTKLFVDGEKDLVTFFEKQGVKITHPDLVPFKESMKPYYAEFVKQTGQKGESALKQIEAINPHHHHHH
;
_entity_poly.pdbx_strand_id   A
#
loop_
_chem_comp.id
_chem_comp.type
_chem_comp.name
_chem_comp.formula
CL non-polymer 'CHLORIDE ION' 'Cl -1'
CS non-polymer 'CESIUM ION' 'Cs 1'
SLB D-saccharide, beta linking 'N-acetyl-beta-neuraminic acid' 'C11 H19 N O9'
#
# COMPACT_ATOMS: atom_id res chain seq x y z
N ALA A 1 2.11 22.38 19.54
CA ALA A 1 1.23 23.28 20.33
C ALA A 1 0.80 24.49 19.47
N ASP A 2 1.75 25.20 18.83
CA ASP A 2 1.36 26.17 17.82
C ASP A 2 0.63 25.57 16.65
N TYR A 3 1.14 24.43 16.17
CA TYR A 3 0.46 23.65 15.15
C TYR A 3 0.14 22.24 15.69
N ASP A 4 -1.13 22.02 16.02
CA ASP A 4 -1.59 20.72 16.52
C ASP A 4 -2.13 19.99 15.31
N LEU A 5 -1.34 19.08 14.78
CA LEU A 5 -1.65 18.46 13.50
C LEU A 5 -1.99 16.99 13.69
N LYS A 6 -2.69 16.45 12.70
CA LYS A 6 -3.24 15.10 12.79
C LYS A 6 -2.76 14.24 11.64
N PHE A 7 -2.40 12.98 11.92
CA PHE A 7 -1.96 12.00 10.90
C PHE A 7 -2.91 10.79 11.01
N GLY A 8 -3.73 10.57 10.00
CA GLY A 8 -4.65 9.43 9.94
C GLY A 8 -4.11 8.24 9.16
N MET A 9 -4.44 7.01 9.60
CA MET A 9 -4.06 5.82 8.85
C MET A 9 -5.03 4.66 9.08
N ASN A 10 -5.05 3.73 8.14
CA ASN A 10 -5.83 2.51 8.26
C ASN A 10 -5.09 1.53 9.19
N ALA A 11 -3.77 1.53 9.14
CA ALA A 11 -2.98 0.58 9.96
C ALA A 11 -3.18 0.81 11.44
N GLY A 12 -2.94 -0.25 12.17
CA GLY A 12 -3.14 -0.24 13.61
C GLY A 12 -1.86 0.01 14.39
N THR A 13 -2.01 0.00 15.68
CA THR A 13 -0.91 0.39 16.56
C THR A 13 0.25 -0.61 16.67
N SER A 14 0.04 -1.83 16.19
N SER A 14 0.06 -1.83 16.21
CA SER A 14 1.12 -2.80 16.19
CA SER A 14 1.16 -2.78 16.20
C SER A 14 1.95 -2.77 14.89
C SER A 14 1.82 -2.90 14.83
N SER A 15 1.48 -1.99 13.92
CA SER A 15 2.04 -2.04 12.58
C SER A 15 3.35 -1.30 12.39
N ASN A 16 4.06 -1.69 11.33
CA ASN A 16 5.25 -0.96 10.89
C ASN A 16 4.92 0.48 10.51
N GLU A 17 3.77 0.68 9.86
CA GLU A 17 3.35 2.01 9.44
C GLU A 17 3.21 2.93 10.67
N TYR A 18 2.58 2.43 11.74
CA TYR A 18 2.43 3.23 12.94
C TYR A 18 3.78 3.53 13.58
N LYS A 19 4.68 2.54 13.62
CA LYS A 19 6.02 2.73 14.18
CA LYS A 19 6.00 2.76 14.20
C LYS A 19 6.76 3.86 13.45
N ALA A 20 6.69 3.86 12.12
CA ALA A 20 7.37 4.90 11.29
C ALA A 20 6.71 6.26 11.46
N ALA A 21 5.37 6.27 11.57
CA ALA A 21 4.68 7.52 11.80
C ALA A 21 5.05 8.08 13.15
N GLU A 22 5.21 7.21 14.13
CA GLU A 22 5.67 7.67 15.49
C GLU A 22 7.02 8.30 15.43
N MET A 23 7.94 7.71 14.67
CA MET A 23 9.26 8.28 14.50
C MET A 23 9.16 9.66 13.83
N PHE A 24 8.37 9.78 12.77
CA PHE A 24 8.14 11.05 12.10
C PHE A 24 7.61 12.12 13.10
N ALA A 25 6.62 11.75 13.88
CA ALA A 25 6.00 12.70 14.83
C ALA A 25 7.04 13.16 15.84
N LYS A 26 7.87 12.22 16.32
CA LYS A 26 8.82 12.58 17.34
C LYS A 26 9.91 13.50 16.78
N GLU A 27 10.38 13.22 15.55
CA GLU A 27 11.43 14.04 14.95
C GLU A 27 10.90 15.45 14.67
N VAL A 28 9.66 15.55 14.16
CA VAL A 28 9.08 16.87 13.87
C VAL A 28 8.97 17.66 15.17
N LYS A 29 8.42 17.04 16.23
CA LYS A 29 8.34 17.74 17.51
C LYS A 29 9.72 18.25 17.98
N GLU A 30 10.73 17.39 17.98
CA GLU A 30 12.06 17.78 18.42
C GLU A 30 12.67 18.88 17.54
N LYS A 31 12.68 18.67 16.24
CA LYS A 31 13.38 19.61 15.38
C LYS A 31 12.64 20.93 15.15
N SER A 32 11.33 20.99 15.43
CA SER A 32 10.56 22.20 15.39
C SER A 32 10.59 22.97 16.74
N GLN A 33 11.35 22.46 17.71
CA GLN A 33 11.39 23.02 19.05
C GLN A 33 10.03 23.05 19.72
N GLY A 34 9.22 22.03 19.49
CA GLY A 34 7.91 21.96 20.09
C GLY A 34 6.80 22.76 19.43
N LYS A 35 7.10 23.43 18.30
CA LYS A 35 6.08 24.26 17.64
C LYS A 35 5.05 23.41 16.92
N ILE A 36 5.45 22.20 16.50
CA ILE A 36 4.53 21.27 15.83
C ILE A 36 4.46 19.98 16.66
N GLU A 37 3.23 19.55 16.94
CA GLU A 37 2.92 18.26 17.56
C GLU A 37 1.97 17.54 16.63
N ILE A 38 2.28 16.29 16.32
CA ILE A 38 1.47 15.49 15.46
C ILE A 38 0.84 14.36 16.29
N SER A 39 -0.47 14.28 16.24
CA SER A 39 -1.26 13.19 16.86
C SER A 39 -1.62 12.17 15.78
N LEU A 40 -1.58 10.89 16.17
CA LEU A 40 -1.81 9.77 15.26
C LEU A 40 -3.20 9.20 15.48
N TYR A 41 -3.91 8.96 14.39
N TYR A 41 -3.92 8.94 14.38
CA TYR A 41 -5.25 8.42 14.44
CA TYR A 41 -5.27 8.37 14.39
C TYR A 41 -5.27 7.12 13.63
C TYR A 41 -5.29 7.09 13.61
N PRO A 42 -5.00 5.98 14.31
CA PRO A 42 -4.88 4.70 13.60
C PRO A 42 -6.21 3.98 13.40
N SER A 43 -6.14 2.82 12.77
CA SER A 43 -7.23 1.88 12.70
C SER A 43 -8.52 2.43 12.05
N SER A 44 -8.34 3.30 11.07
CA SER A 44 -9.47 3.83 10.30
C SER A 44 -10.46 4.63 11.15
N GLN A 45 -9.98 5.24 12.22
CA GLN A 45 -10.83 6.06 13.12
CA GLN A 45 -10.95 5.96 13.05
C GLN A 45 -11.49 7.21 12.34
N LEU A 46 -10.75 7.76 11.37
CA LEU A 46 -11.23 8.91 10.57
C LEU A 46 -11.82 8.49 9.23
N GLY A 47 -11.86 7.18 8.96
CA GLY A 47 -12.37 6.68 7.69
C GLY A 47 -11.27 5.84 7.06
N ASP A 48 -11.55 5.35 5.86
CA ASP A 48 -10.55 4.61 5.12
C ASP A 48 -9.64 5.58 4.35
N ASP A 49 -8.74 5.02 3.56
CA ASP A 49 -7.78 5.85 2.84
C ASP A 49 -8.43 6.74 1.78
N ARG A 50 -9.54 6.28 1.20
CA ARG A 50 -10.27 7.14 0.27
C ARG A 50 -10.84 8.35 0.99
N ALA A 51 -11.42 8.12 2.17
CA ALA A 51 -11.95 9.22 2.95
C ALA A 51 -10.87 10.17 3.45
N MET A 52 -9.74 9.61 3.87
CA MET A 52 -8.69 10.44 4.43
C MET A 52 -7.99 11.27 3.34
N LEU A 53 -7.89 10.75 2.12
CA LEU A 53 -7.37 11.55 1.00
C LEU A 53 -8.28 12.72 0.77
N LYS A 54 -9.59 12.50 0.84
CA LYS A 54 -10.57 13.62 0.68
C LYS A 54 -10.41 14.68 1.76
N GLN A 55 -10.12 14.24 2.97
CA GLN A 55 -9.88 15.12 4.09
C GLN A 55 -8.60 15.95 3.94
N LEU A 56 -7.54 15.35 3.36
CA LEU A 56 -6.33 16.11 3.02
C LEU A 56 -6.65 17.22 2.01
N LYS A 57 -7.47 16.88 1.02
CA LYS A 57 -7.82 17.83 -0.02
C LYS A 57 -8.54 19.02 0.57
N ASP A 58 -9.50 18.73 1.45
CA ASP A 58 -10.33 19.76 2.10
CA ASP A 58 -10.30 19.80 2.04
C ASP A 58 -9.59 20.53 3.20
N GLY A 59 -8.46 20.00 3.68
CA GLY A 59 -7.70 20.64 4.75
C GLY A 59 -8.13 20.22 6.16
N SER A 60 -8.98 19.21 6.33
CA SER A 60 -9.43 18.83 7.66
C SER A 60 -8.58 17.73 8.29
N LEU A 61 -7.67 17.15 7.49
CA LEU A 61 -6.66 16.22 8.01
C LEU A 61 -5.32 16.70 7.45
N ASP A 62 -4.26 16.63 8.25
CA ASP A 62 -2.99 17.17 7.84
C ASP A 62 -2.09 16.20 7.09
N PHE A 63 -1.97 14.97 7.57
CA PHE A 63 -1.14 13.95 6.94
C PHE A 63 -1.89 12.66 6.80
N THR A 64 -1.51 11.86 5.79
CA THR A 64 -1.99 10.49 5.73
C THR A 64 -1.07 9.70 4.83
N PHE A 65 -1.31 8.38 4.76
CA PHE A 65 -0.66 7.50 3.85
C PHE A 65 -1.53 7.16 2.67
N ALA A 66 -0.89 6.93 1.52
CA ALA A 66 -1.56 6.32 0.39
C ALA A 66 -0.56 5.59 -0.45
N GLU A 67 -1.02 4.58 -1.18
CA GLU A 67 -0.19 4.01 -2.23
C GLU A 67 -0.24 4.86 -3.48
N SER A 68 0.83 4.83 -4.27
CA SER A 68 0.79 5.44 -5.61
C SER A 68 -0.42 4.94 -6.46
N ALA A 69 -0.72 3.64 -6.33
CA ALA A 69 -1.81 3.02 -7.06
C ALA A 69 -3.17 3.62 -6.71
N ARG A 70 -3.34 4.14 -5.47
CA ARG A 70 -4.64 4.60 -5.00
C ARG A 70 -5.11 5.80 -5.81
N PHE A 71 -4.15 6.47 -6.44
CA PHE A 71 -4.49 7.63 -7.32
C PHE A 71 -5.21 7.21 -8.65
N GLN A 72 -5.42 5.91 -8.86
CA GLN A 72 -6.22 5.42 -9.96
C GLN A 72 -7.65 5.89 -9.87
N LEU A 73 -8.07 6.29 -8.68
CA LEU A 73 -9.39 6.82 -8.48
C LEU A 73 -9.58 8.11 -9.24
N PHE A 74 -8.50 8.86 -9.44
CA PHE A 74 -8.53 10.09 -10.18
C PHE A 74 -7.95 10.06 -11.58
N TYR A 75 -6.90 9.23 -11.72
CA TYR A 75 -6.15 9.16 -12.95
C TYR A 75 -6.05 7.65 -13.28
N PRO A 76 -6.90 7.19 -14.21
CA PRO A 76 -7.01 5.73 -14.36
C PRO A 76 -5.70 5.05 -14.70
N GLU A 77 -4.83 5.75 -15.42
CA GLU A 77 -3.53 5.19 -15.76
C GLU A 77 -2.68 4.82 -14.54
N ALA A 78 -2.93 5.45 -13.38
CA ALA A 78 -2.17 5.19 -12.16
C ALA A 78 -2.40 3.77 -11.62
N ALA A 79 -3.37 3.07 -12.18
CA ALA A 79 -3.52 1.66 -11.86
C ALA A 79 -2.33 0.83 -12.24
N VAL A 80 -1.50 1.34 -13.12
CA VAL A 80 -0.32 0.63 -13.55
C VAL A 80 0.56 0.20 -12.37
N PHE A 81 0.54 0.95 -11.28
CA PHE A 81 1.35 0.66 -10.12
C PHE A 81 0.91 -0.62 -9.39
N ALA A 82 -0.32 -1.05 -9.61
CA ALA A 82 -0.86 -2.23 -8.94
C ALA A 82 -1.35 -3.32 -9.89
N LEU A 83 -1.01 -3.24 -11.19
CA LEU A 83 -1.35 -4.33 -12.07
C LEU A 83 -0.55 -5.55 -11.59
N PRO A 84 -1.23 -6.68 -11.35
CA PRO A 84 -0.49 -7.74 -10.76
C PRO A 84 0.69 -8.17 -11.60
N TYR A 85 1.81 -8.40 -10.91
CA TYR A 85 3.06 -8.89 -11.48
C TYR A 85 3.84 -7.93 -12.39
N VAL A 86 3.38 -6.68 -12.56
CA VAL A 86 4.09 -5.76 -13.39
C VAL A 86 5.31 -5.16 -12.69
N ILE A 87 5.12 -4.61 -11.50
CA ILE A 87 6.23 -4.04 -10.74
C ILE A 87 6.89 -5.17 -9.93
N SER A 88 8.16 -5.49 -10.29
CA SER A 88 8.89 -6.66 -9.76
C SER A 88 9.36 -6.48 -8.32
N ASN A 89 9.82 -5.27 -8.03
CA ASN A 89 10.48 -5.01 -6.75
C ASN A 89 10.42 -3.54 -6.41
N TYR A 90 10.92 -3.20 -5.25
CA TYR A 90 10.81 -1.84 -4.79
C TYR A 90 11.69 -0.88 -5.60
N ASN A 91 12.84 -1.36 -6.08
N ASN A 91 12.83 -1.34 -6.09
CA ASN A 91 13.67 -0.56 -6.98
CA ASN A 91 13.67 -0.51 -6.96
C ASN A 91 12.85 -0.01 -8.18
C ASN A 91 12.88 -0.01 -8.18
N VAL A 92 12.06 -0.88 -8.78
CA VAL A 92 11.21 -0.52 -9.87
C VAL A 92 10.11 0.46 -9.41
N ALA A 93 9.51 0.21 -8.26
CA ALA A 93 8.52 1.14 -7.73
C ALA A 93 9.04 2.57 -7.54
N GLN A 94 10.24 2.67 -7.01
CA GLN A 94 10.86 3.99 -6.78
C GLN A 94 11.12 4.70 -8.10
N LYS A 95 11.73 4.01 -9.04
CA LYS A 95 12.05 4.63 -10.35
C LYS A 95 10.77 4.94 -11.11
N ALA A 96 9.74 4.11 -10.96
CA ALA A 96 8.46 4.34 -11.70
C ALA A 96 7.87 5.68 -11.31
N LEU A 97 7.92 5.97 -10.01
CA LEU A 97 7.34 7.19 -9.51
C LEU A 97 8.22 8.43 -9.77
N PHE A 98 9.51 8.34 -9.48
CA PHE A 98 10.35 9.53 -9.48
C PHE A 98 11.11 9.74 -10.77
N ASP A 99 11.28 8.70 -11.56
CA ASP A 99 12.24 8.75 -12.72
C ASP A 99 11.61 8.43 -14.05
N THR A 100 10.31 8.46 -14.13
CA THR A 100 9.63 8.41 -15.40
C THR A 100 8.83 9.68 -15.61
N GLU A 101 8.51 9.95 -16.85
CA GLU A 101 7.73 11.13 -17.19
C GLU A 101 6.33 11.03 -16.60
N PHE A 102 5.77 9.84 -16.71
CA PHE A 102 4.47 9.53 -16.19
C PHE A 102 4.40 9.79 -14.64
N GLY A 103 5.42 9.34 -13.90
CA GLY A 103 5.40 9.48 -12.43
C GLY A 103 5.60 10.93 -12.01
N LYS A 104 6.53 11.61 -12.67
CA LYS A 104 6.76 13.04 -12.40
C LYS A 104 5.49 13.84 -12.62
N ASP A 105 4.76 13.50 -13.68
N ASP A 105 4.77 13.53 -13.69
CA ASP A 105 3.51 14.17 -14.01
CA ASP A 105 3.53 14.24 -13.99
C ASP A 105 2.49 13.91 -12.92
C ASP A 105 2.47 13.92 -12.94
N LEU A 106 2.45 12.69 -12.45
CA LEU A 106 1.51 12.30 -11.40
C LEU A 106 1.75 13.14 -10.11
N ILE A 107 3.01 13.31 -9.75
CA ILE A 107 3.37 14.10 -8.55
C ILE A 107 2.90 15.55 -8.70
N LYS A 108 3.08 16.10 -9.91
CA LYS A 108 2.62 17.49 -10.20
C LYS A 108 1.11 17.58 -10.08
N LYS A 109 0.40 16.59 -10.65
CA LYS A 109 -1.04 16.62 -10.61
C LYS A 109 -1.59 16.48 -9.19
N MET A 110 -0.96 15.67 -8.32
N MET A 110 -0.96 15.63 -8.39
CA MET A 110 -1.45 15.53 -6.95
CA MET A 110 -1.29 15.49 -6.99
C MET A 110 -1.43 16.88 -6.23
C MET A 110 -1.42 16.85 -6.32
N ASP A 111 -0.39 17.66 -6.49
CA ASP A 111 -0.27 18.99 -5.92
C ASP A 111 -1.33 19.95 -6.52
N LYS A 112 -1.32 20.04 -7.83
CA LYS A 112 -2.20 21.02 -8.50
C LYS A 112 -3.69 20.71 -8.53
N ASP A 113 -4.03 19.45 -8.77
CA ASP A 113 -5.43 19.08 -8.88
C ASP A 113 -6.01 18.72 -7.55
N LEU A 114 -5.25 18.04 -6.69
CA LEU A 114 -5.82 17.39 -5.50
C LEU A 114 -5.44 18.08 -4.20
N GLY A 115 -4.54 19.03 -4.28
CA GLY A 115 -4.13 19.73 -3.09
C GLY A 115 -3.34 18.94 -2.07
N VAL A 116 -2.55 17.96 -2.53
N VAL A 116 -2.50 18.03 -2.58
CA VAL A 116 -1.65 17.23 -1.61
CA VAL A 116 -1.72 17.14 -1.77
C VAL A 116 -0.21 17.22 -2.12
C VAL A 116 -0.25 17.20 -2.16
N THR A 117 0.69 17.35 -1.15
N THR A 117 0.64 17.32 -1.17
CA THR A 117 2.11 17.35 -1.43
CA THR A 117 2.06 17.32 -1.43
C THR A 117 2.75 16.04 -1.00
C THR A 117 2.72 16.03 -1.01
N LEU A 118 3.48 15.43 -1.91
CA LEU A 118 4.22 14.20 -1.64
C LEU A 118 5.50 14.53 -0.94
N LEU A 119 5.67 13.98 0.24
CA LEU A 119 6.87 14.22 1.02
C LEU A 119 7.94 13.13 0.83
N SER A 120 7.53 11.87 0.80
N SER A 120 7.52 11.88 0.77
CA SER A 120 8.48 10.75 0.74
CA SER A 120 8.45 10.77 0.64
C SER A 120 7.71 9.50 0.34
C SER A 120 7.69 9.51 0.30
N GLN A 121 8.45 8.50 -0.08
CA GLN A 121 7.94 7.18 -0.47
C GLN A 121 8.70 6.09 0.29
N ALA A 122 7.94 5.13 0.78
CA ALA A 122 8.51 3.96 1.41
C ALA A 122 7.98 2.68 0.78
N TYR A 123 8.64 1.57 1.14
CA TYR A 123 8.14 0.25 0.76
C TYR A 123 7.17 -0.27 1.83
N ASN A 124 6.08 -0.89 1.41
CA ASN A 124 5.04 -1.38 2.31
C ASN A 124 4.73 -2.84 2.12
N GLY A 125 5.67 -3.56 1.54
CA GLY A 125 5.57 -5.02 1.40
C GLY A 125 4.98 -5.51 0.12
N THR A 126 5.19 -6.79 -0.14
CA THR A 126 4.60 -7.47 -1.27
C THR A 126 3.46 -8.37 -0.80
N ARG A 127 2.32 -8.27 -1.45
CA ARG A 127 1.13 -8.97 -1.00
C ARG A 127 1.23 -10.47 -1.29
N GLN A 128 0.73 -11.27 -0.34
CA GLN A 128 0.64 -12.72 -0.39
C GLN A 128 -0.81 -13.09 -0.06
N THR A 129 -1.15 -14.39 -0.13
CA THR A 129 -2.55 -14.80 0.04
C THR A 129 -2.68 -15.78 1.19
N THR A 130 -3.54 -15.50 2.15
CA THR A 130 -3.85 -16.45 3.25
C THR A 130 -5.21 -17.07 2.97
N SER A 131 -5.40 -18.26 3.54
CA SER A 131 -6.65 -18.95 3.34
C SER A 131 -6.87 -20.02 4.37
N ASN A 132 -8.11 -20.55 4.34
N ASN A 132 -8.08 -20.57 4.40
CA ASN A 132 -8.56 -21.62 5.23
CA ASN A 132 -8.35 -21.67 5.33
C ASN A 132 -8.34 -23.00 4.66
C ASN A 132 -8.36 -23.02 4.66
N ARG A 133 -7.84 -23.05 3.43
CA ARG A 133 -7.46 -24.32 2.75
C ARG A 133 -6.21 -24.05 1.96
N ALA A 134 -5.43 -25.11 1.72
CA ALA A 134 -4.18 -24.92 1.00
C ALA A 134 -4.36 -24.52 -0.45
N ILE A 135 -3.50 -23.58 -0.89
CA ILE A 135 -3.37 -23.17 -2.27
C ILE A 135 -2.08 -23.77 -2.80
N ASN A 136 -2.23 -24.92 -3.46
CA ASN A 136 -1.07 -25.63 -4.04
C ASN A 136 -0.85 -25.26 -5.49
N SER A 137 -1.89 -24.74 -6.15
CA SER A 137 -1.79 -24.34 -7.52
C SER A 137 -2.94 -23.36 -7.81
N ILE A 138 -2.97 -22.84 -9.01
CA ILE A 138 -4.02 -21.95 -9.44
C ILE A 138 -5.41 -22.59 -9.33
N ALA A 139 -5.50 -23.93 -9.46
CA ALA A 139 -6.80 -24.61 -9.37
C ALA A 139 -7.50 -24.36 -8.04
N ASP A 140 -6.70 -24.23 -6.99
CA ASP A 140 -7.23 -24.00 -5.67
C ASP A 140 -7.87 -22.61 -5.44
N MET A 141 -7.60 -21.67 -6.32
CA MET A 141 -8.23 -20.35 -6.30
C MET A 141 -9.64 -20.34 -6.81
N LYS A 142 -10.05 -21.39 -7.51
CA LYS A 142 -11.30 -21.36 -8.23
C LYS A 142 -12.43 -21.39 -7.22
N GLY A 143 -13.25 -20.33 -7.26
CA GLY A 143 -14.35 -20.19 -6.37
C GLY A 143 -14.04 -19.84 -4.94
N LEU A 144 -12.77 -19.60 -4.61
CA LEU A 144 -12.35 -19.21 -3.28
C LEU A 144 -12.95 -17.82 -2.97
N LYS A 145 -13.61 -17.71 -1.81
CA LYS A 145 -14.19 -16.46 -1.43
C LYS A 145 -13.06 -15.60 -0.81
N LEU A 146 -12.50 -14.71 -1.64
CA LEU A 146 -11.31 -13.99 -1.28
C LEU A 146 -11.69 -12.56 -0.95
N ARG A 147 -11.47 -12.15 0.31
CA ARG A 147 -11.66 -10.73 0.62
C ARG A 147 -10.60 -9.93 -0.12
N VAL A 148 -11.01 -8.76 -0.63
CA VAL A 148 -10.12 -7.76 -1.19
C VAL A 148 -10.50 -6.37 -0.62
N PRO A 149 -9.55 -5.44 -0.63
CA PRO A 149 -9.94 -4.07 -0.39
C PRO A 149 -10.83 -3.52 -1.46
N ASN A 150 -11.41 -2.35 -1.18
CA ASN A 150 -12.27 -1.66 -2.14
C ASN A 150 -11.34 -0.93 -3.15
N ALA A 151 -10.74 -1.70 -4.05
CA ALA A 151 -9.81 -1.20 -5.05
C ALA A 151 -9.85 -2.07 -6.30
N ALA A 152 -9.96 -1.44 -7.46
CA ALA A 152 -10.20 -2.17 -8.70
C ALA A 152 -9.14 -3.19 -9.05
N THR A 153 -7.91 -2.86 -8.79
CA THR A 153 -6.80 -3.71 -9.13
C THR A 153 -6.79 -4.98 -8.26
N ASN A 154 -7.13 -4.90 -6.99
CA ASN A 154 -7.20 -6.09 -6.18
C ASN A 154 -8.39 -6.99 -6.59
N LEU A 155 -9.54 -6.35 -6.88
CA LEU A 155 -10.71 -7.04 -7.39
C LEU A 155 -10.37 -7.82 -8.67
N ALA A 156 -9.59 -7.19 -9.54
CA ALA A 156 -9.17 -7.81 -10.80
C ALA A 156 -8.25 -9.03 -10.55
N TYR A 157 -7.30 -8.90 -9.62
CA TYR A 157 -6.46 -10.03 -9.27
C TYR A 157 -7.32 -11.22 -8.96
N ALA A 158 -8.26 -11.02 -8.05
CA ALA A 158 -9.16 -12.09 -7.63
C ALA A 158 -9.99 -12.69 -8.79
N LYS A 159 -10.60 -11.81 -9.58
CA LYS A 159 -11.47 -12.24 -10.67
C LYS A 159 -10.66 -13.06 -11.70
N TYR A 160 -9.49 -12.55 -12.08
CA TYR A 160 -8.74 -13.17 -13.19
C TYR A 160 -8.05 -14.46 -12.83
N VAL A 161 -7.78 -14.72 -11.54
CA VAL A 161 -7.31 -16.05 -11.13
C VAL A 161 -8.44 -17.01 -10.87
N GLY A 162 -9.70 -16.57 -10.91
CA GLY A 162 -10.84 -17.45 -10.74
C GLY A 162 -11.53 -17.45 -9.39
N ALA A 163 -11.08 -16.58 -8.49
CA ALA A 163 -11.69 -16.45 -7.17
C ALA A 163 -12.93 -15.62 -7.25
N SER A 164 -13.67 -15.60 -6.14
N SER A 164 -13.65 -15.59 -6.14
CA SER A 164 -14.90 -14.80 -6.02
CA SER A 164 -14.88 -14.83 -6.02
C SER A 164 -14.57 -13.70 -5.05
C SER A 164 -14.58 -13.70 -5.04
N PRO A 165 -14.35 -12.48 -5.54
CA PRO A 165 -13.91 -11.44 -4.63
C PRO A 165 -15.03 -10.86 -3.81
N THR A 166 -14.70 -10.56 -2.56
CA THR A 166 -15.60 -9.89 -1.66
C THR A 166 -14.94 -8.66 -1.10
N PRO A 167 -15.32 -7.48 -1.60
CA PRO A 167 -14.71 -6.26 -1.07
C PRO A 167 -15.24 -5.90 0.29
N MET A 168 -14.30 -5.53 1.15
CA MET A 168 -14.60 -5.04 2.48
C MET A 168 -13.49 -4.25 3.05
N ALA A 169 -13.84 -3.41 4.00
CA ALA A 169 -12.84 -2.54 4.67
C ALA A 169 -11.89 -3.36 5.54
N PHE A 170 -10.67 -2.86 5.62
CA PHE A 170 -9.63 -3.49 6.42
C PHE A 170 -10.07 -3.81 7.85
N SER A 171 -10.79 -2.88 8.48
CA SER A 171 -11.21 -3.06 9.88
C SER A 171 -12.15 -4.28 10.11
N GLU A 172 -12.79 -4.77 9.04
CA GLU A 172 -13.78 -5.85 9.10
C GLU A 172 -13.16 -7.21 8.84
N VAL A 173 -11.91 -7.25 8.42
CA VAL A 173 -11.36 -8.51 7.88
C VAL A 173 -11.19 -9.63 8.96
N TYR A 174 -10.66 -9.29 10.14
CA TYR A 174 -10.40 -10.34 11.13
C TYR A 174 -11.67 -11.12 11.44
N LEU A 175 -12.76 -10.40 11.67
CA LEU A 175 -13.99 -11.08 12.02
C LEU A 175 -14.53 -11.89 10.81
N ALA A 176 -14.38 -11.38 9.59
CA ALA A 176 -14.83 -12.11 8.42
C ALA A 176 -14.08 -13.42 8.28
N LEU A 177 -12.80 -13.39 8.61
CA LEU A 177 -11.96 -14.59 8.56
C LEU A 177 -12.29 -15.54 9.66
N GLN A 178 -12.49 -15.04 10.88
CA GLN A 178 -12.80 -15.83 12.03
C GLN A 178 -14.10 -16.65 11.86
N THR A 179 -15.08 -16.01 11.26
CA THR A 179 -16.41 -16.59 11.06
C THR A 179 -16.52 -17.38 9.77
N ASN A 180 -15.43 -17.44 8.98
CA ASN A 180 -15.48 -17.96 7.61
C ASN A 180 -16.53 -17.44 6.69
N ALA A 181 -16.91 -16.18 6.89
CA ALA A 181 -17.74 -15.48 5.94
C ALA A 181 -16.96 -15.35 4.61
N VAL A 182 -15.64 -15.29 4.71
CA VAL A 182 -14.76 -15.40 3.54
C VAL A 182 -13.75 -16.48 3.81
N ASP A 183 -13.12 -16.97 2.75
CA ASP A 183 -12.15 -18.05 2.85
C ASP A 183 -10.70 -17.58 3.03
N GLY A 184 -10.42 -16.33 2.68
CA GLY A 184 -9.05 -15.82 2.69
C GLY A 184 -8.98 -14.35 2.46
N GLN A 185 -7.75 -13.86 2.44
CA GLN A 185 -7.51 -12.46 2.12
C GLN A 185 -6.11 -12.35 1.52
N GLU A 186 -5.70 -11.16 1.21
CA GLU A 186 -4.41 -10.95 0.65
C GLU A 186 -3.83 -9.63 1.13
N ASN A 187 -2.55 -9.68 1.53
CA ASN A 187 -1.88 -8.55 2.19
C ASN A 187 -0.43 -8.95 2.32
N PRO A 188 0.45 -7.96 2.56
CA PRO A 188 1.82 -8.30 2.85
C PRO A 188 1.91 -9.06 4.18
N LEU A 189 3.02 -9.77 4.34
CA LEU A 189 3.26 -10.54 5.54
C LEU A 189 3.19 -9.67 6.78
N ALA A 190 3.72 -8.46 6.73
CA ALA A 190 3.69 -7.61 7.90
C ALA A 190 2.28 -7.33 8.43
N ALA A 191 1.31 -7.19 7.50
CA ALA A 191 -0.06 -6.92 7.88
C ALA A 191 -0.68 -8.19 8.46
N VAL A 192 -0.29 -9.35 7.94
CA VAL A 192 -0.77 -10.59 8.50
C VAL A 192 -0.33 -10.73 9.98
N GLN A 193 0.90 -10.35 10.28
CA GLN A 193 1.38 -10.25 11.62
C GLN A 193 0.67 -9.20 12.45
N ALA A 194 0.61 -7.96 11.94
CA ALA A 194 0.07 -6.86 12.75
C ALA A 194 -1.40 -7.04 13.14
N GLN A 195 -2.20 -7.51 12.17
CA GLN A 195 -3.61 -7.72 12.39
C GLN A 195 -3.94 -9.09 13.02
N LYS A 196 -2.90 -9.91 13.27
CA LYS A 196 -3.00 -11.25 13.77
C LYS A 196 -3.89 -12.13 12.89
N PHE A 197 -3.88 -11.98 11.60
CA PHE A 197 -4.65 -12.89 10.74
C PHE A 197 -4.17 -14.32 10.81
N TYR A 198 -2.94 -14.53 11.26
CA TYR A 198 -2.42 -15.89 11.46
C TYR A 198 -3.18 -16.67 12.53
N GLU A 199 -3.91 -15.98 13.41
CA GLU A 199 -4.74 -16.70 14.41
C GLU A 199 -5.94 -17.43 13.80
N VAL A 200 -6.37 -16.91 12.65
CA VAL A 200 -7.61 -17.35 12.00
C VAL A 200 -7.43 -17.74 10.53
N GLN A 201 -6.19 -18.06 10.15
CA GLN A 201 -5.87 -18.61 8.84
C GLN A 201 -4.83 -19.68 9.00
N LYS A 202 -5.05 -20.85 8.44
CA LYS A 202 -4.12 -21.94 8.54
C LYS A 202 -3.04 -22.01 7.42
N PHE A 203 -3.23 -21.29 6.32
CA PHE A 203 -2.39 -21.46 5.14
C PHE A 203 -1.98 -20.08 4.62
N LEU A 204 -0.78 -20.03 4.07
N LEU A 204 -0.79 -20.02 4.06
CA LEU A 204 -0.24 -18.82 3.45
CA LEU A 204 -0.29 -18.82 3.42
C LEU A 204 0.40 -19.28 2.13
C LEU A 204 0.40 -19.28 2.14
N ALA A 205 0.01 -18.68 1.02
CA ALA A 205 0.55 -18.96 -0.30
C ALA A 205 1.32 -17.77 -0.78
N MET A 206 2.53 -18.05 -1.23
CA MET A 206 3.43 -16.99 -1.72
C MET A 206 3.11 -16.66 -3.17
N THR A 207 2.05 -15.87 -3.33
CA THR A 207 1.56 -15.46 -4.65
C THR A 207 2.27 -14.25 -5.22
N ASN A 208 2.87 -13.43 -4.36
CA ASN A 208 3.75 -12.33 -4.79
C ASN A 208 3.10 -11.39 -5.81
N HIS A 209 1.80 -11.11 -5.62
CA HIS A 209 1.04 -10.59 -6.79
C HIS A 209 1.03 -9.10 -6.99
N ILE A 210 1.06 -8.34 -5.88
CA ILE A 210 1.04 -6.87 -5.98
C ILE A 210 2.05 -6.33 -4.97
N LEU A 211 2.90 -5.40 -5.39
CA LEU A 211 3.86 -4.75 -4.52
C LEU A 211 3.25 -3.40 -4.09
N ASN A 212 3.26 -3.14 -2.80
CA ASN A 212 2.79 -1.87 -2.26
C ASN A 212 3.90 -0.94 -1.84
N ASP A 213 3.80 0.29 -2.31
CA ASP A 213 4.57 1.41 -1.76
C ASP A 213 3.73 2.13 -0.75
N GLN A 214 4.29 3.19 -0.21
CA GLN A 214 3.57 4.00 0.74
C GLN A 214 4.05 5.41 0.68
N LEU A 215 3.13 6.35 0.44
CA LEU A 215 3.49 7.79 0.31
C LEU A 215 3.12 8.50 1.57
N TYR A 216 4.08 9.31 2.06
CA TYR A 216 3.82 10.25 3.15
C TYR A 216 3.29 11.53 2.48
N LEU A 217 2.02 11.88 2.73
CA LEU A 217 1.32 12.98 2.12
C LEU A 217 0.94 14.01 3.12
N VAL A 218 1.04 15.27 2.69
CA VAL A 218 0.57 16.38 3.51
C VAL A 218 -0.47 17.19 2.74
N SER A 219 -1.47 17.68 3.45
CA SER A 219 -2.42 18.65 2.85
C SER A 219 -1.74 19.96 2.48
N ASN A 220 -1.97 20.44 1.25
CA ASN A 220 -1.46 21.75 0.87
C ASN A 220 -1.95 22.84 1.78
N GLU A 221 -3.17 22.71 2.31
CA GLU A 221 -3.70 23.78 3.18
C GLU A 221 -2.87 23.91 4.45
N THR A 222 -2.34 22.80 4.96
CA THR A 222 -1.47 22.83 6.08
C THR A 222 -0.02 23.16 5.68
N TYR A 223 0.51 22.56 4.62
N TYR A 223 0.47 22.56 4.62
CA TYR A 223 1.91 22.81 4.27
CA TYR A 223 1.85 22.77 4.22
C TYR A 223 2.16 24.26 3.91
C TYR A 223 2.16 24.22 3.89
N LYS A 224 1.23 24.89 3.21
CA LYS A 224 1.42 26.28 2.79
C LYS A 224 1.46 27.26 3.98
N GLU A 225 0.86 26.88 5.11
CA GLU A 225 0.80 27.76 6.25
C GLU A 225 2.07 27.68 7.11
N LEU A 226 2.88 26.67 6.91
CA LEU A 226 4.10 26.55 7.68
C LEU A 226 5.15 27.49 7.13
N PRO A 227 5.86 28.22 8.00
CA PRO A 227 7.04 28.95 7.54
C PRO A 227 8.01 27.99 6.89
N GLU A 228 8.83 28.46 5.97
CA GLU A 228 9.63 27.58 5.14
C GLU A 228 10.64 26.76 5.94
N ASP A 229 11.12 27.29 7.08
CA ASP A 229 12.02 26.51 7.92
C ASP A 229 11.33 25.27 8.53
N LEU A 230 10.03 25.42 8.82
CA LEU A 230 9.24 24.30 9.37
C LEU A 230 8.81 23.37 8.24
N GLN A 231 8.59 23.88 7.01
CA GLN A 231 8.38 23.00 5.87
C GLN A 231 9.59 22.07 5.68
N LYS A 232 10.80 22.62 5.80
CA LYS A 232 12.02 21.79 5.67
C LYS A 232 12.10 20.73 6.78
N VAL A 233 11.75 21.11 8.02
CA VAL A 233 11.72 20.13 9.10
C VAL A 233 10.81 18.96 8.75
N VAL A 234 9.62 19.28 8.25
CA VAL A 234 8.63 18.24 7.93
C VAL A 234 9.14 17.36 6.80
N LYS A 235 9.67 17.99 5.77
CA LYS A 235 10.20 17.24 4.61
C LYS A 235 11.34 16.30 5.04
N ASP A 236 12.30 16.83 5.80
CA ASP A 236 13.46 16.04 6.16
C ASP A 236 13.00 14.88 7.04
N ALA A 237 12.11 15.16 7.97
CA ALA A 237 11.59 14.10 8.86
C ALA A 237 10.86 13.01 8.10
N ALA A 238 10.10 13.40 7.07
CA ALA A 238 9.40 12.40 6.27
C ALA A 238 10.39 11.52 5.48
N GLU A 239 11.47 12.09 4.98
N GLU A 239 11.46 12.12 4.97
CA GLU A 239 12.41 11.29 4.27
CA GLU A 239 12.48 11.37 4.28
C GLU A 239 13.15 10.36 5.22
C GLU A 239 13.13 10.37 5.23
N ASN A 240 13.43 10.82 6.45
CA ASN A 240 14.08 9.93 7.41
C ASN A 240 13.13 8.78 7.84
N ALA A 241 11.87 9.10 8.08
CA ALA A 241 10.91 8.11 8.48
C ALA A 241 10.70 7.09 7.37
N ALA A 242 10.67 7.53 6.10
CA ALA A 242 10.44 6.61 5.01
C ALA A 242 11.59 5.58 4.90
N LYS A 243 12.83 6.02 5.17
CA LYS A 243 13.95 5.05 5.15
C LYS A 243 13.80 3.98 6.25
N TYR A 244 13.41 4.40 7.45
CA TYR A 244 13.11 3.51 8.54
C TYR A 244 11.92 2.58 8.24
N HIS A 245 10.87 3.15 7.66
CA HIS A 245 9.67 2.42 7.26
C HIS A 245 10.10 1.30 6.30
N THR A 246 10.84 1.64 5.23
CA THR A 246 11.30 0.63 4.32
C THR A 246 12.11 -0.46 5.00
N LYS A 247 13.05 -0.06 5.83
CA LYS A 247 13.88 -1.06 6.55
C LYS A 247 13.01 -2.05 7.33
N LEU A 248 12.00 -1.55 8.02
CA LEU A 248 11.14 -2.45 8.80
C LEU A 248 10.54 -3.54 7.92
N PHE A 249 10.09 -3.17 6.73
CA PHE A 249 9.46 -4.12 5.84
C PHE A 249 10.46 -5.08 5.23
N VAL A 250 11.59 -4.56 4.79
CA VAL A 250 12.65 -5.39 4.19
C VAL A 250 13.11 -6.40 5.22
N ASP A 251 13.33 -5.96 6.45
CA ASP A 251 13.78 -6.97 7.48
C ASP A 251 12.75 -8.01 7.78
N GLY A 252 11.52 -7.63 7.85
CA GLY A 252 10.50 -8.62 8.17
C GLY A 252 10.29 -9.66 7.14
N GLU A 253 10.49 -9.31 5.84
N GLU A 253 10.47 -9.31 5.85
CA GLU A 253 10.24 -10.22 4.78
CA GLU A 253 10.15 -10.21 4.78
C GLU A 253 11.23 -11.38 4.82
C GLU A 253 11.13 -11.38 4.73
N LYS A 254 12.40 -11.12 5.39
N LYS A 254 12.32 -11.16 5.27
CA LYS A 254 13.43 -12.14 5.60
CA LYS A 254 13.25 -12.24 5.46
C LYS A 254 12.96 -13.20 6.63
C LYS A 254 12.59 -13.20 6.46
N ASP A 255 12.32 -12.72 7.67
N ASP A 255 12.37 -12.67 7.66
CA ASP A 255 12.15 -13.45 8.90
CA ASP A 255 12.18 -13.49 8.84
C ASP A 255 10.72 -13.92 9.16
C ASP A 255 10.74 -13.93 9.13
N LEU A 256 9.75 -13.27 8.55
CA LEU A 256 8.36 -13.50 8.96
C LEU A 256 7.82 -14.89 8.59
N VAL A 257 8.35 -15.49 7.54
CA VAL A 257 7.87 -16.83 7.15
C VAL A 257 8.09 -17.80 8.29
N THR A 258 9.26 -17.69 8.90
CA THR A 258 9.59 -18.52 10.06
C THR A 258 8.70 -18.29 11.26
N PHE A 259 8.39 -17.04 11.53
CA PHE A 259 7.45 -16.69 12.57
C PHE A 259 6.09 -17.36 12.34
N PHE A 260 5.59 -17.30 11.11
CA PHE A 260 4.31 -17.92 10.86
C PHE A 260 4.33 -19.44 10.99
N GLU A 261 5.41 -20.06 10.56
CA GLU A 261 5.52 -21.50 10.73
C GLU A 261 5.46 -21.89 12.19
N LYS A 262 6.11 -21.11 13.05
CA LYS A 262 6.09 -21.39 14.49
C LYS A 262 4.72 -21.19 15.09
N GLN A 263 3.90 -20.32 14.45
CA GLN A 263 2.50 -20.14 14.83
C GLN A 263 1.53 -21.15 14.26
N GLY A 264 2.02 -22.11 13.51
CA GLY A 264 1.17 -23.16 12.99
C GLY A 264 0.64 -22.95 11.58
N VAL A 265 1.13 -21.94 10.87
CA VAL A 265 0.66 -21.69 9.52
C VAL A 265 1.51 -22.53 8.56
N LYS A 266 0.84 -23.17 7.62
CA LYS A 266 1.51 -23.91 6.55
C LYS A 266 1.72 -23.02 5.34
N ILE A 267 2.94 -23.01 4.82
CA ILE A 267 3.31 -22.10 3.73
CA ILE A 267 3.33 -22.10 3.75
C ILE A 267 3.41 -22.92 2.47
N THR A 268 2.75 -22.45 1.39
CA THR A 268 2.88 -23.07 0.08
C THR A 268 3.53 -22.14 -0.95
N HIS A 269 4.04 -22.73 -1.99
CA HIS A 269 4.72 -22.03 -3.05
C HIS A 269 4.15 -22.55 -4.38
N PRO A 270 2.92 -22.11 -4.67
CA PRO A 270 2.32 -22.50 -5.97
C PRO A 270 3.15 -22.02 -7.15
N ASP A 271 3.11 -22.77 -8.25
CA ASP A 271 3.74 -22.34 -9.49
C ASP A 271 3.05 -21.06 -9.95
N LEU A 272 3.85 -20.02 -10.09
CA LEU A 272 3.28 -18.74 -10.47
C LEU A 272 3.13 -18.52 -11.94
N VAL A 273 3.64 -19.43 -12.79
CA VAL A 273 3.46 -19.17 -14.23
C VAL A 273 1.96 -19.11 -14.57
N PRO A 274 1.11 -20.02 -14.07
CA PRO A 274 -0.31 -19.85 -14.46
C PRO A 274 -0.97 -18.60 -13.89
N PHE A 275 -0.50 -18.14 -12.74
CA PHE A 275 -1.04 -16.90 -12.15
C PHE A 275 -0.69 -15.71 -13.06
N LYS A 276 0.54 -15.68 -13.54
CA LYS A 276 0.97 -14.60 -14.42
C LYS A 276 0.26 -14.69 -15.76
N GLU A 277 0.12 -15.88 -16.35
N GLU A 277 0.12 -15.91 -16.30
CA GLU A 277 -0.54 -15.99 -17.65
CA GLU A 277 -0.61 -16.14 -17.54
C GLU A 277 -2.02 -15.58 -17.55
C GLU A 277 -2.06 -15.63 -17.45
N SER A 278 -2.64 -15.81 -16.40
N SER A 278 -2.69 -15.86 -16.32
CA SER A 278 -4.03 -15.44 -16.17
CA SER A 278 -4.06 -15.43 -16.09
C SER A 278 -4.28 -13.93 -16.18
C SER A 278 -4.28 -13.92 -16.19
N MET A 279 -3.23 -13.14 -15.94
CA MET A 279 -3.33 -11.67 -15.97
C MET A 279 -3.18 -11.07 -17.36
N LYS A 280 -2.80 -11.87 -18.36
CA LYS A 280 -2.57 -11.28 -19.67
C LYS A 280 -3.82 -10.59 -20.22
N PRO A 281 -4.99 -11.23 -20.10
CA PRO A 281 -6.17 -10.52 -20.61
C PRO A 281 -6.50 -9.27 -19.80
N TYR A 282 -6.15 -9.23 -18.53
CA TYR A 282 -6.33 -8.00 -17.77
C TYR A 282 -5.43 -6.86 -18.22
N TYR A 283 -4.15 -7.15 -18.49
CA TYR A 283 -3.32 -6.09 -19.10
C TYR A 283 -3.94 -5.49 -20.37
N ALA A 284 -4.47 -6.36 -21.20
CA ALA A 284 -5.14 -5.96 -22.44
C ALA A 284 -6.34 -5.07 -22.16
N GLU A 285 -7.10 -5.44 -21.16
N GLU A 285 -7.13 -5.47 -21.15
CA GLU A 285 -8.27 -4.67 -20.76
CA GLU A 285 -8.29 -4.70 -20.66
C GLU A 285 -7.84 -3.27 -20.23
C GLU A 285 -7.87 -3.31 -20.16
N PHE A 286 -6.74 -3.23 -19.46
CA PHE A 286 -6.24 -1.97 -18.94
C PHE A 286 -5.87 -1.01 -20.07
N VAL A 287 -5.22 -1.54 -21.09
CA VAL A 287 -4.78 -0.71 -22.23
C VAL A 287 -6.00 -0.23 -23.02
N LYS A 288 -7.00 -1.10 -23.13
CA LYS A 288 -8.24 -0.76 -23.86
C LYS A 288 -8.96 0.37 -23.13
N GLN A 289 -9.07 0.27 -21.82
CA GLN A 289 -9.74 1.29 -21.02
C GLN A 289 -8.97 2.59 -20.95
N THR A 290 -7.66 2.53 -20.80
CA THR A 290 -6.89 3.74 -20.52
C THR A 290 -6.19 4.32 -21.74
N GLY A 291 -6.28 3.62 -22.87
CA GLY A 291 -5.76 4.15 -24.15
C GLY A 291 -4.26 4.35 -24.12
N GLN A 292 -3.81 5.35 -24.88
CA GLN A 292 -2.38 5.55 -25.09
C GLN A 292 -1.65 6.01 -23.79
N LYS A 293 -2.34 6.74 -22.92
CA LYS A 293 -1.75 7.15 -21.62
C LYS A 293 -1.35 5.93 -20.83
N GLY A 294 -2.23 4.95 -20.82
CA GLY A 294 -1.97 3.71 -20.10
C GLY A 294 -0.89 2.86 -20.76
N GLU A 295 -0.96 2.76 -22.08
CA GLU A 295 0.02 1.96 -22.83
C GLU A 295 1.39 2.57 -22.61
N SER A 296 1.46 3.88 -22.68
CA SER A 296 2.71 4.59 -22.46
C SER A 296 3.27 4.37 -21.02
N ALA A 297 2.42 4.45 -20.00
CA ALA A 297 2.91 4.28 -18.63
C ALA A 297 3.45 2.87 -18.50
N LEU A 298 2.73 1.92 -19.07
CA LEU A 298 3.11 0.52 -18.94
C LEU A 298 4.46 0.28 -19.63
N LYS A 299 4.70 0.90 -20.78
CA LYS A 299 5.99 0.79 -21.47
C LYS A 299 7.11 1.46 -20.66
N GLN A 300 6.84 2.61 -20.05
CA GLN A 300 7.88 3.28 -19.26
C GLN A 300 8.32 2.38 -18.09
N ILE A 301 7.34 1.70 -17.48
CA ILE A 301 7.61 0.84 -16.34
C ILE A 301 8.32 -0.43 -16.72
N GLU A 302 7.91 -1.01 -17.83
CA GLU A 302 8.53 -2.24 -18.30
C GLU A 302 9.98 -2.00 -18.73
N ALA A 303 10.34 -0.76 -19.03
CA ALA A 303 11.71 -0.42 -19.41
C ALA A 303 12.71 -0.38 -18.26
N ILE A 304 12.24 -0.33 -17.01
CA ILE A 304 13.09 -0.11 -15.90
C ILE A 304 13.81 -1.44 -15.55
N ASN A 305 15.13 -1.36 -15.43
CA ASN A 305 15.98 -2.48 -14.98
C ASN A 305 15.70 -2.72 -13.48
N PRO A 306 15.32 -3.95 -13.09
CA PRO A 306 15.08 -4.15 -11.67
C PRO A 306 16.30 -4.32 -10.77
N HIS A 307 17.47 -4.46 -11.36
CA HIS A 307 18.71 -4.71 -10.61
C HIS A 307 19.38 -3.39 -10.23
N HIS A 308 19.74 -3.23 -8.96
CA HIS A 308 20.35 -2.00 -8.43
C HIS A 308 21.66 -1.64 -9.12
C1 SLB B . -6.20 -3.69 3.12
C2 SLB B . -5.00 -2.76 2.97
C3 SLB B . -4.69 -2.08 4.30
C4 SLB B . -3.67 -0.97 4.07
C5 SLB B . -4.16 -0.01 2.95
C6 SLB B . -4.40 -0.83 1.70
C7 SLB B . -4.93 0.01 0.55
C8 SLB B . -5.25 -0.89 -0.69
C9 SLB B . -5.72 -0.08 -1.88
C10 SLB B . -3.37 2.31 3.08
C11 SLB B . -2.31 3.29 2.69
N5 SLB B . -3.20 1.06 2.74
O1A SLB B . -7.33 -3.15 3.29
O1B SLB B . -6.02 -4.93 3.03
O2 SLB B . -3.85 -3.49 2.56
O4 SLB B . -3.37 -0.26 5.27
O6 SLB B . -5.35 -1.84 1.95
O7 SLB B . -6.18 0.64 0.94
O8 SLB B . -4.08 -1.65 -0.99
O9 SLB B . -4.84 0.94 -2.29
O10 SLB B . -4.36 2.68 3.66
CL CL C . -3.04 -20.77 12.77
CL CL D . -11.31 -24.89 -5.91
CS CS E . 4.92 29.22 3.56
CS CS F . -10.97 -19.51 9.85
#